data_9C38
#
_entry.id   9C38
#
_cell.length_a   69.403
_cell.length_b   69.403
_cell.length_c   150.553
_cell.angle_alpha   90.000
_cell.angle_beta   90.000
_cell.angle_gamma   90.000
#
_symmetry.space_group_name_H-M   'P 41 21 2'
#
loop_
_entity.id
_entity.type
_entity.pdbx_description
1 polymer 'Membrane-associated phosphatidylinositol transfer protein 3'
2 water water
#
_entity_poly.entity_id   1
_entity_poly.type   'polypeptide(L)'
_entity_poly.pdbx_seq_one_letter_code
;SGCPQRSCKTHVLLLVLHGGNILDTGAGDPSCKAADIHTFSSVLEKVTRAHFPAALGHILIKFVPCPAICSEAFSLVSHL
NPYSHDEGCLSSSQDHVPLAALPLLAISSPQYQDAVATVIERANQVYREFLKSSDGIGFSGQVCLIGDCVGGLLAFDAIC
YSAGPSGDSSDSSTYDCEAITQHHAFLSSIHSSVLKDESETPAAGGPQLPEVSLGRFDFDVSDFFLFGSPLGLVLAMRRT
VLPGLDGFQVRPACSQVYSFFHCADPSASRLEPLLEPKFHLVPPVSVPRYQRFPLGDGQSLLLADALHTHSPLFLEGSSD
SMAPVGASRITAKWWGSKRIDYALYCPDVLTAFPTVALPHLFHASYWESTDVVAFILRQVMRYESVNIKESA
;
_entity_poly.pdbx_strand_id   A
#
# COMPACT_ATOMS: atom_id res chain seq x y z
N SER A 7 -15.00 -22.98 12.30
CA SER A 7 -15.83 -22.42 13.37
C SER A 7 -16.09 -20.93 13.16
N CYS A 8 -15.04 -20.09 13.26
CA CYS A 8 -15.19 -18.65 13.08
C CYS A 8 -15.68 -18.31 11.68
N LYS A 9 -16.64 -17.39 11.59
CA LYS A 9 -17.15 -16.97 10.30
C LYS A 9 -16.16 -16.10 9.53
N THR A 10 -15.22 -15.45 10.20
CA THR A 10 -14.22 -14.61 9.53
CA THR A 10 -14.22 -14.61 9.54
C THR A 10 -13.01 -15.47 9.19
N HIS A 11 -12.73 -15.59 7.89
CA HIS A 11 -11.59 -16.34 7.38
C HIS A 11 -10.40 -15.45 7.07
N VAL A 12 -10.65 -14.20 6.70
CA VAL A 12 -9.61 -13.26 6.33
C VAL A 12 -9.99 -11.93 6.95
N LEU A 13 -9.07 -11.35 7.69
CA LEU A 13 -9.20 -10.03 8.22
C LEU A 13 -8.35 -9.11 7.37
N LEU A 14 -8.97 -8.14 6.76
CA LEU A 14 -8.27 -7.12 6.01
C LEU A 14 -8.12 -5.93 6.95
N LEU A 15 -6.89 -5.65 7.39
CA LEU A 15 -6.61 -4.56 8.31
C LEU A 15 -5.96 -3.41 7.54
N VAL A 16 -6.64 -2.25 7.50
CA VAL A 16 -6.22 -1.11 6.70
C VAL A 16 -5.54 -0.08 7.59
N LEU A 17 -4.30 0.22 7.31
CA LEU A 17 -3.59 1.25 8.00
C LEU A 17 -3.79 2.53 7.17
N HIS A 18 -4.64 3.43 7.68
CA HIS A 18 -5.11 4.57 6.93
C HIS A 18 -4.36 5.81 7.44
N GLY A 19 -3.35 6.23 6.68
CA GLY A 19 -2.59 7.40 7.05
C GLY A 19 -2.82 8.60 6.17
N GLY A 20 -3.74 8.50 5.19
CA GLY A 20 -4.00 9.61 4.29
C GLY A 20 -2.92 9.71 3.21
N ASN A 21 -2.87 10.88 2.59
CA ASN A 21 -1.93 11.14 1.49
C ASN A 21 -0.90 12.17 1.95
N ILE A 22 0.10 12.40 1.10
CA ILE A 22 1.27 13.19 1.48
C ILE A 22 0.95 14.68 1.72
N LEU A 23 -0.20 15.16 1.29
CA LEU A 23 -0.58 16.55 1.55
C LEU A 23 -1.51 16.68 2.75
N ASP A 24 -1.83 15.59 3.45
CA ASP A 24 -2.68 15.71 4.63
C ASP A 24 -1.88 16.22 5.82
N THR A 25 -2.51 17.07 6.64
CA THR A 25 -1.89 17.67 7.80
C THR A 25 -2.81 17.61 9.02
N GLY A 26 -2.23 17.83 10.18
CA GLY A 26 -2.99 17.98 11.42
C GLY A 26 -3.84 16.78 11.78
N ALA A 27 -4.86 17.04 12.59
CA ALA A 27 -5.79 16.00 13.02
C ALA A 27 -6.73 15.67 11.86
N GLY A 28 -6.74 14.41 11.45
CA GLY A 28 -7.63 14.00 10.39
C GLY A 28 -9.10 14.10 10.80
N ASP A 29 -9.96 14.06 9.80
CA ASP A 29 -11.38 13.96 10.04
C ASP A 29 -11.73 12.48 10.18
N PRO A 30 -12.10 11.99 11.36
CA PRO A 30 -12.29 10.54 11.50
C PRO A 30 -13.39 10.04 10.62
N SER A 31 -14.38 10.91 10.34
CA SER A 31 -15.45 10.49 9.47
C SER A 31 -14.94 10.28 8.06
N CYS A 32 -13.89 11.03 7.67
CA CYS A 32 -13.34 10.87 6.33
C CYS A 32 -12.70 9.50 6.19
N LYS A 33 -11.88 9.12 7.17
CA LYS A 33 -11.29 7.78 7.15
C LYS A 33 -12.38 6.72 7.13
N ALA A 34 -13.44 6.87 7.95
CA ALA A 34 -14.51 5.88 7.97
C ALA A 34 -15.28 5.89 6.67
N ALA A 35 -15.45 7.06 6.05
CA ALA A 35 -16.11 7.08 4.76
C ALA A 35 -15.30 6.32 3.71
N ASP A 36 -13.98 6.53 3.67
CA ASP A 36 -13.13 5.75 2.77
C ASP A 36 -13.36 4.27 2.97
N ILE A 37 -13.30 3.82 4.24
CA ILE A 37 -13.42 2.40 4.48
C ILE A 37 -14.80 1.89 4.16
N HIS A 38 -15.84 2.70 4.38
CA HIS A 38 -17.18 2.24 4.03
C HIS A 38 -17.32 2.05 2.51
N THR A 39 -16.73 2.95 1.74
CA THR A 39 -16.78 2.84 0.29
C THR A 39 -16.07 1.60 -0.17
N PHE A 40 -14.86 1.37 0.34
CA PHE A 40 -14.10 0.17 0.05
C PHE A 40 -14.87 -1.08 0.41
N SER A 41 -15.48 -1.08 1.58
CA SER A 41 -16.23 -2.27 2.03
C SER A 41 -17.41 -2.55 1.10
N SER A 42 -18.03 -1.51 0.56
CA SER A 42 -19.15 -1.71 -0.34
C SER A 42 -18.68 -2.28 -1.68
N VAL A 43 -17.53 -1.84 -2.16
CA VAL A 43 -17.00 -2.44 -3.38
C VAL A 43 -16.69 -3.91 -3.16
N LEU A 44 -16.00 -4.23 -2.05
CA LEU A 44 -15.74 -5.61 -1.72
C LEU A 44 -17.01 -6.47 -1.71
N GLU A 45 -18.07 -5.98 -1.10
CA GLU A 45 -19.30 -6.79 -1.04
C GLU A 45 -19.87 -6.99 -2.44
N LYS A 46 -19.89 -5.94 -3.26
CA LYS A 46 -20.41 -6.05 -4.62
C LYS A 46 -19.59 -7.03 -5.47
N VAL A 47 -18.28 -6.86 -5.53
CA VAL A 47 -17.48 -7.81 -6.30
C VAL A 47 -17.62 -9.23 -5.76
N THR A 48 -17.65 -9.37 -4.43
CA THR A 48 -17.82 -10.70 -3.83
C THR A 48 -19.10 -11.38 -4.31
N ARG A 49 -20.22 -10.65 -4.32
CA ARG A 49 -21.47 -11.24 -4.72
C ARG A 49 -21.44 -11.62 -6.19
N ALA A 50 -20.83 -10.77 -7.01
CA ALA A 50 -20.85 -11.05 -8.44
C ALA A 50 -19.99 -12.26 -8.79
N HIS A 51 -18.85 -12.44 -8.12
CA HIS A 51 -17.90 -13.44 -8.62
C HIS A 51 -17.18 -14.30 -7.60
N PHE A 52 -17.35 -14.06 -6.30
CA PHE A 52 -16.67 -14.86 -5.27
C PHE A 52 -17.66 -15.23 -4.18
N PRO A 53 -18.81 -15.78 -4.54
CA PRO A 53 -19.87 -16.05 -3.55
C PRO A 53 -19.42 -16.94 -2.39
N ALA A 54 -18.38 -17.75 -2.58
CA ALA A 54 -17.83 -18.53 -1.47
C ALA A 54 -17.15 -17.67 -0.42
N ALA A 55 -16.88 -16.39 -0.71
CA ALA A 55 -16.27 -15.49 0.25
C ALA A 55 -17.30 -14.67 1.03
N LEU A 56 -18.56 -14.64 0.57
CA LEU A 56 -19.57 -13.79 1.20
C LEU A 56 -19.62 -14.06 2.70
N GLY A 57 -19.55 -12.99 3.47
CA GLY A 57 -19.63 -13.08 4.91
C GLY A 57 -18.37 -13.54 5.62
N HIS A 58 -17.28 -13.82 4.90
CA HIS A 58 -16.09 -14.41 5.47
C HIS A 58 -14.86 -13.49 5.43
N ILE A 59 -14.99 -12.30 4.85
CA ILE A 59 -13.89 -11.33 4.78
C ILE A 59 -14.39 -10.06 5.46
N LEU A 60 -13.67 -9.63 6.48
CA LEU A 60 -14.01 -8.50 7.31
C LEU A 60 -12.92 -7.46 7.15
N ILE A 61 -13.32 -6.18 7.08
CA ILE A 61 -12.39 -5.05 7.00
C ILE A 61 -12.41 -4.31 8.33
N LYS A 62 -11.23 -4.04 8.88
CA LYS A 62 -11.06 -3.13 10.00
C LYS A 62 -9.97 -2.13 9.62
N PHE A 63 -10.01 -0.93 10.21
CA PHE A 63 -8.99 0.07 9.93
C PHE A 63 -8.38 0.64 11.19
N VAL A 64 -7.20 1.20 10.97
CA VAL A 64 -6.38 1.77 12.03
C VAL A 64 -6.04 3.17 11.53
N PRO A 65 -6.43 4.23 12.23
CA PRO A 65 -6.00 5.59 11.86
C PRO A 65 -4.54 5.79 12.26
N CYS A 66 -3.75 6.22 11.34
CA CYS A 66 -2.35 6.51 11.59
C CYS A 66 -2.13 8.01 11.75
N PRO A 67 -1.05 8.40 12.40
CA PRO A 67 -0.71 9.83 12.50
C PRO A 67 -0.32 10.43 11.16
N ALA A 68 -0.55 11.75 11.03
CA ALA A 68 -0.30 12.43 9.75
C ALA A 68 1.15 12.92 9.72
N ILE A 69 2.06 11.98 9.42
CA ILE A 69 3.48 12.24 9.60
C ILE A 69 4.04 13.30 8.67
N CYS A 70 3.26 13.77 7.68
CA CYS A 70 3.71 14.75 6.71
C CYS A 70 3.36 16.19 7.08
N SER A 71 2.92 16.43 8.32
CA SER A 71 2.44 17.77 8.67
C SER A 71 3.55 18.79 8.62
N GLU A 72 4.63 18.51 9.33
CA GLU A 72 5.71 19.48 9.34
C GLU A 72 6.31 19.64 7.96
N ALA A 73 6.44 18.53 7.19
CA ALA A 73 7.01 18.60 5.85
C ALA A 73 6.15 19.48 4.95
N PHE A 74 4.83 19.35 5.06
CA PHE A 74 3.93 20.21 4.30
C PHE A 74 4.21 21.69 4.59
N SER A 75 4.37 22.03 5.85
CA SER A 75 4.65 23.43 6.19
C SER A 75 5.94 23.93 5.56
N LEU A 76 6.99 23.12 5.61
CA LEU A 76 8.27 23.50 4.97
C LEU A 76 8.13 23.66 3.46
N VAL A 77 7.51 22.70 2.81
CA VAL A 77 7.36 22.78 1.36
C VAL A 77 6.50 23.96 0.99
N SER A 78 5.45 24.19 1.75
CA SER A 78 4.61 25.34 1.44
C SER A 78 5.41 26.63 1.61
N HIS A 79 6.34 26.69 2.56
CA HIS A 79 7.12 27.92 2.74
C HIS A 79 8.25 28.08 1.72
N LEU A 80 8.61 27.04 0.99
CA LEU A 80 9.63 27.06 -0.05
C LEU A 80 9.08 27.55 -1.38
N ASN A 81 7.77 27.47 -1.56
CA ASN A 81 7.07 27.76 -2.78
C ASN A 81 7.44 29.14 -3.30
N PRO A 82 7.96 29.23 -4.51
CA PRO A 82 8.26 30.56 -5.08
C PRO A 82 7.01 31.35 -5.49
N TYR A 83 5.87 30.70 -5.62
CA TYR A 83 4.67 31.37 -6.11
C TYR A 83 3.90 31.98 -4.95
N SER A 84 3.17 33.04 -5.25
CA SER A 84 2.25 33.66 -4.28
C SER A 84 1.18 32.66 -3.81
N HIS A 85 0.92 32.68 -2.51
CA HIS A 85 -0.03 31.75 -1.92
C HIS A 85 -0.54 32.33 -0.61
N ASP A 86 -1.61 31.75 -0.10
CA ASP A 86 -2.21 32.19 1.15
C ASP A 86 -1.67 31.35 2.31
N GLU A 87 -1.91 31.84 3.51
CA GLU A 87 -1.40 31.17 4.71
C GLU A 87 -1.86 29.74 4.71
N GLY A 88 -0.93 28.83 5.01
CA GLY A 88 -1.24 27.41 5.11
C GLY A 88 -1.59 26.71 3.81
N CYS A 89 -1.35 27.32 2.64
CA CYS A 89 -1.79 26.78 1.36
C CYS A 89 -0.61 26.55 0.41
N LEU A 90 -0.77 25.60 -0.51
CA LEU A 90 0.02 25.51 -1.73
C LEU A 90 -0.64 26.39 -2.80
N SER A 91 0.07 26.59 -3.91
CA SER A 91 -0.52 27.26 -5.07
C SER A 91 -0.66 26.24 -6.20
N SER A 92 -1.85 26.20 -6.83
CA SER A 92 -2.05 25.29 -7.93
C SER A 92 -1.20 25.67 -9.14
N SER A 93 -0.70 26.89 -9.19
CA SER A 93 0.19 27.31 -10.29
C SER A 93 1.57 26.70 -10.19
N GLN A 94 1.93 26.15 -9.05
CA GLN A 94 3.25 25.52 -8.97
C GLN A 94 3.13 24.14 -9.56
N ASP A 95 3.45 24.02 -10.85
CA ASP A 95 3.30 22.73 -11.51
C ASP A 95 4.25 21.70 -10.91
N HIS A 96 5.46 22.10 -10.55
CA HIS A 96 6.43 21.12 -10.06
C HIS A 96 6.65 21.27 -8.56
N VAL A 97 5.58 21.38 -7.81
CA VAL A 97 5.66 21.41 -6.36
C VAL A 97 6.47 20.17 -5.94
N PRO A 98 7.42 20.29 -5.02
CA PRO A 98 8.32 19.12 -4.76
C PRO A 98 7.65 18.07 -3.89
N LEU A 99 6.62 17.38 -4.45
CA LEU A 99 5.88 16.40 -3.68
C LEU A 99 6.80 15.30 -3.16
N ALA A 100 7.82 14.91 -3.95
CA ALA A 100 8.72 13.84 -3.51
C ALA A 100 9.46 14.20 -2.25
N ALA A 101 9.64 15.50 -1.94
CA ALA A 101 10.27 15.82 -0.68
C ALA A 101 9.40 15.50 0.54
N LEU A 102 8.08 15.39 0.37
CA LEU A 102 7.23 15.26 1.56
C LEU A 102 7.47 13.96 2.32
N PRO A 103 7.41 12.76 1.68
CA PRO A 103 7.76 11.53 2.41
C PRO A 103 9.17 11.51 2.95
N LEU A 104 10.12 12.11 2.18
CA LEU A 104 11.52 12.08 2.63
C LEU A 104 11.71 12.92 3.88
N LEU A 105 11.10 14.12 3.93
CA LEU A 105 11.16 14.91 5.16
C LEU A 105 10.40 14.20 6.29
N ALA A 106 9.29 13.56 5.96
CA ALA A 106 8.48 12.87 6.98
C ALA A 106 9.26 11.78 7.69
N ILE A 107 9.92 10.91 6.92
CA ILE A 107 10.63 9.79 7.54
C ILE A 107 11.97 10.19 8.09
N SER A 108 12.46 11.37 7.80
CA SER A 108 13.71 11.83 8.37
C SER A 108 13.53 12.51 9.71
N SER A 109 12.32 12.76 10.15
CA SER A 109 12.10 13.42 11.42
C SER A 109 12.51 12.51 12.57
N PRO A 110 13.18 13.04 13.61
CA PRO A 110 13.46 12.22 14.80
C PRO A 110 12.20 11.64 15.45
N GLN A 111 11.02 12.20 15.21
CA GLN A 111 9.78 11.67 15.76
C GLN A 111 9.08 10.64 14.86
N TYR A 112 9.64 10.32 13.69
CA TYR A 112 9.01 9.33 12.84
C TYR A 112 8.88 7.97 13.55
N GLN A 113 9.94 7.54 14.26
CA GLN A 113 9.89 6.26 14.95
C GLN A 113 8.75 6.19 15.97
N ASP A 114 8.41 7.32 16.60
CA ASP A 114 7.28 7.32 17.51
C ASP A 114 5.95 7.13 16.79
N ALA A 115 5.82 7.62 15.55
CA ALA A 115 4.60 7.32 14.80
C ALA A 115 4.47 5.83 14.51
N VAL A 116 5.57 5.16 14.21
CA VAL A 116 5.52 3.73 13.97
C VAL A 116 5.09 3.00 15.23
N ALA A 117 5.70 3.33 16.38
CA ALA A 117 5.29 2.72 17.65
C ALA A 117 3.81 2.95 17.93
N THR A 118 3.30 4.15 17.66
CA THR A 118 1.87 4.42 17.87
C THR A 118 0.99 3.57 16.96
N VAL A 119 1.38 3.40 15.71
CA VAL A 119 0.58 2.59 14.79
C VAL A 119 0.51 1.15 15.27
N ILE A 120 1.66 0.59 15.68
CA ILE A 120 1.68 -0.77 16.23
C ILE A 120 0.73 -0.89 17.42
N GLU A 121 0.76 0.07 18.34
CA GLU A 121 -0.14 0.01 19.49
C GLU A 121 -1.61 0.06 19.07
N ARG A 122 -1.95 0.93 18.12
CA ARG A 122 -3.36 1.03 17.74
C ARG A 122 -3.84 -0.20 16.99
N ALA A 123 -2.98 -0.72 16.10
CA ALA A 123 -3.31 -1.96 15.39
C ALA A 123 -3.51 -3.12 16.33
N ASN A 124 -2.66 -3.25 17.37
CA ASN A 124 -2.86 -4.36 18.31
C ASN A 124 -4.15 -4.21 19.11
N GLN A 125 -4.52 -2.97 19.48
CA GLN A 125 -5.80 -2.78 20.15
C GLN A 125 -6.95 -3.16 19.20
N VAL A 126 -6.88 -2.73 17.92
CA VAL A 126 -7.95 -3.08 16.99
C VAL A 126 -8.05 -4.59 16.82
N TYR A 127 -6.90 -5.26 16.70
CA TYR A 127 -6.92 -6.70 16.52
C TYR A 127 -7.51 -7.40 17.75
N ARG A 128 -7.17 -6.89 18.94
CA ARG A 128 -7.68 -7.52 20.16
C ARG A 128 -9.19 -7.36 20.29
N GLU A 129 -9.71 -6.16 20.04
CA GLU A 129 -11.15 -6.00 20.04
C GLU A 129 -11.82 -6.92 19.01
N PHE A 130 -11.20 -7.10 17.85
CA PHE A 130 -11.76 -8.04 16.86
C PHE A 130 -11.81 -9.45 17.44
N LEU A 131 -10.71 -9.90 18.04
CA LEU A 131 -10.71 -11.23 18.64
C LEU A 131 -11.78 -11.42 19.71
N LYS A 132 -12.17 -10.36 20.44
CA LYS A 132 -13.25 -10.49 21.43
C LYS A 132 -14.64 -10.41 20.79
N SER A 133 -14.74 -9.79 19.61
CA SER A 133 -16.04 -9.62 18.98
C SER A 133 -16.61 -10.98 18.57
N SER A 134 -17.93 -10.99 18.34
CA SER A 134 -18.59 -12.19 17.84
C SER A 134 -18.00 -12.62 16.50
N ASP A 135 -17.67 -11.67 15.63
CA ASP A 135 -17.09 -12.00 14.33
C ASP A 135 -15.67 -12.57 14.43
N GLY A 136 -15.02 -12.45 15.59
CA GLY A 136 -13.63 -12.86 15.73
C GLY A 136 -13.40 -14.03 16.67
N ILE A 137 -14.42 -14.45 17.43
CA ILE A 137 -14.22 -15.54 18.35
C ILE A 137 -13.79 -16.78 17.60
N GLY A 138 -12.69 -17.40 18.05
CA GLY A 138 -12.13 -18.56 17.37
C GLY A 138 -11.44 -18.29 16.06
N PHE A 139 -11.05 -17.05 15.81
CA PHE A 139 -10.35 -16.72 14.56
C PHE A 139 -9.06 -17.52 14.39
N SER A 140 -8.92 -18.18 13.25
CA SER A 140 -7.72 -18.93 12.90
C SER A 140 -7.27 -18.63 11.46
N GLY A 141 -7.76 -17.55 10.88
CA GLY A 141 -7.54 -17.26 9.46
C GLY A 141 -6.33 -16.37 9.22
N GLN A 142 -6.34 -15.70 8.07
CA GLN A 142 -5.25 -14.87 7.63
C GLN A 142 -5.57 -13.40 7.91
N VAL A 143 -4.54 -12.64 8.28
CA VAL A 143 -4.60 -11.19 8.42
C VAL A 143 -3.78 -10.62 7.27
N CYS A 144 -4.42 -9.89 6.40
CA CYS A 144 -3.73 -9.13 5.37
C CYS A 144 -3.70 -7.68 5.77
N LEU A 145 -2.59 -7.03 5.44
CA LEU A 145 -2.44 -5.61 5.72
C LEU A 145 -2.62 -4.83 4.43
N ILE A 146 -3.33 -3.72 4.52
CA ILE A 146 -3.43 -2.74 3.46
C ILE A 146 -2.96 -1.40 3.98
N GLY A 147 -2.01 -0.78 3.28
CA GLY A 147 -1.53 0.53 3.63
C GLY A 147 -1.87 1.50 2.52
N ASP A 148 -2.42 2.65 2.87
CA ASP A 148 -2.65 3.69 1.87
C ASP A 148 -1.34 4.44 1.68
N CYS A 149 -1.40 5.56 0.97
CA CYS A 149 -0.19 6.27 0.56
C CYS A 149 0.81 6.45 1.70
N VAL A 150 0.34 7.05 2.79
CA VAL A 150 1.19 7.26 3.99
C VAL A 150 1.16 6.06 4.92
N GLY A 151 -0.02 5.44 5.08
CA GLY A 151 -0.09 4.31 6.01
C GLY A 151 0.80 3.14 5.57
N GLY A 152 0.99 3.00 4.27
CA GLY A 152 1.89 1.99 3.76
C GLY A 152 3.31 2.15 4.27
N LEU A 153 3.74 3.39 4.46
CA LEU A 153 5.11 3.63 4.91
C LEU A 153 5.25 3.13 6.33
N LEU A 154 4.29 3.50 7.17
CA LEU A 154 4.30 3.08 8.56
C LEU A 154 4.15 1.58 8.70
N ALA A 155 3.24 0.98 7.90
CA ALA A 155 2.99 -0.46 7.95
C ALA A 155 4.25 -1.25 7.61
N PHE A 156 5.00 -0.76 6.62
CA PHE A 156 6.21 -1.44 6.19
C PHE A 156 7.25 -1.40 7.30
N ASP A 157 7.47 -0.22 7.87
CA ASP A 157 8.50 -0.10 8.92
C ASP A 157 8.10 -0.91 10.12
N ALA A 158 6.78 -1.10 10.35
CA ALA A 158 6.33 -1.87 11.52
C ALA A 158 6.62 -3.36 11.38
N ILE A 159 6.75 -3.89 10.16
CA ILE A 159 6.97 -5.32 10.01
C ILE A 159 8.37 -5.64 9.52
N CYS A 160 9.27 -4.66 9.43
CA CYS A 160 10.57 -4.89 8.83
CA CYS A 160 10.56 -4.91 8.81
C CYS A 160 11.58 -5.39 9.84
N TYR A 161 12.55 -6.16 9.34
CA TYR A 161 13.63 -6.73 10.15
C TYR A 161 14.86 -6.87 9.28
N SER A 162 15.99 -7.18 9.90
CA SER A 162 17.29 -7.24 9.24
C SER A 162 17.67 -8.68 8.89
N ALA A 163 18.43 -8.83 7.80
CA ALA A 163 18.90 -10.17 7.41
C ALA A 163 19.90 -10.12 6.26
N LEU A 214 10.45 -0.82 19.57
CA LEU A 214 9.18 -0.21 19.16
C LEU A 214 8.00 -1.17 19.32
N GLY A 215 8.27 -2.46 19.61
CA GLY A 215 7.22 -3.45 19.68
C GLY A 215 6.93 -4.06 18.32
N ARG A 216 5.88 -4.88 18.27
CA ARG A 216 5.52 -5.58 17.05
C ARG A 216 4.02 -5.85 17.01
N PHE A 217 3.49 -6.02 15.80
CA PHE A 217 2.09 -6.45 15.71
C PHE A 217 1.90 -7.78 16.45
N ASP A 218 0.72 -7.98 17.00
CA ASP A 218 0.36 -9.22 17.68
C ASP A 218 -0.06 -10.31 16.71
N PHE A 219 -0.10 -10.02 15.43
CA PHE A 219 -0.51 -10.99 14.44
C PHE A 219 0.60 -11.15 13.42
N ASP A 220 0.56 -12.28 12.74
CA ASP A 220 1.44 -12.50 11.58
C ASP A 220 0.71 -12.11 10.31
N VAL A 221 1.39 -11.38 9.48
CA VAL A 221 0.82 -10.81 8.26
C VAL A 221 0.98 -11.80 7.12
N SER A 222 -0.10 -12.00 6.36
CA SER A 222 0.00 -12.79 5.14
C SER A 222 0.29 -11.81 4.01
N ASP A 223 -0.72 -11.43 3.25
CA ASP A 223 -0.54 -10.50 2.16
C ASP A 223 -0.49 -9.06 2.65
N PHE A 224 0.37 -8.28 2.02
CA PHE A 224 0.55 -6.86 2.35
C PHE A 224 0.39 -6.05 1.07
N PHE A 225 -0.72 -5.32 0.96
CA PHE A 225 -1.06 -4.51 -0.22
C PHE A 225 -0.75 -3.03 0.07
N LEU A 226 -0.10 -2.35 -0.87
CA LEU A 226 0.23 -0.92 -0.78
C LEU A 226 -0.49 -0.16 -1.87
N PHE A 227 -1.23 0.89 -1.48
CA PHE A 227 -2.00 1.70 -2.39
C PHE A 227 -1.23 3.00 -2.66
N GLY A 228 -0.49 3.05 -3.74
CA GLY A 228 0.13 4.26 -4.26
C GLY A 228 1.07 4.92 -3.26
N SER A 229 1.92 4.14 -2.67
CA SER A 229 2.76 4.55 -1.57
C SER A 229 4.19 4.81 -2.03
N PRO A 230 4.83 5.91 -1.57
CA PRO A 230 6.17 6.25 -2.09
C PRO A 230 7.27 5.51 -1.35
N LEU A 231 7.01 4.24 -1.00
CA LEU A 231 7.99 3.47 -0.25
C LEU A 231 9.32 3.38 -1.00
N GLY A 232 9.27 3.19 -2.30
CA GLY A 232 10.51 3.06 -3.05
C GLY A 232 11.45 4.24 -2.85
N LEU A 233 10.90 5.44 -2.81
CA LEU A 233 11.74 6.63 -2.64
C LEU A 233 12.36 6.64 -1.25
N VAL A 234 11.59 6.28 -0.24
CA VAL A 234 12.08 6.21 1.12
C VAL A 234 13.23 5.21 1.24
N LEU A 235 13.06 4.03 0.64
CA LEU A 235 14.11 3.00 0.72
C LEU A 235 15.33 3.41 -0.07
N ALA A 236 15.15 4.18 -1.14
CA ALA A 236 16.33 4.70 -1.85
C ALA A 236 17.09 5.70 -1.00
N MET A 237 16.37 6.56 -0.24
CA MET A 237 17.05 7.45 0.70
C MET A 237 17.81 6.64 1.75
N ARG A 238 17.17 5.64 2.34
CA ARG A 238 17.83 4.88 3.43
C ARG A 238 19.03 4.10 2.95
N ARG A 239 18.99 3.57 1.73
CA ARG A 239 20.19 2.97 1.14
C ARG A 239 21.28 3.97 0.85
N THR A 240 20.92 5.22 0.49
CA THR A 240 21.94 6.24 0.23
C THR A 240 22.68 6.62 1.52
N VAL A 241 21.93 6.80 2.63
CA VAL A 241 22.54 7.22 3.89
C VAL A 241 23.36 6.09 4.53
N LEU A 242 22.82 4.87 4.52
CA LEU A 242 23.43 3.72 5.22
C LEU A 242 23.57 2.55 4.25
N PRO A 243 24.58 2.60 3.36
CA PRO A 243 24.76 1.55 2.36
C PRO A 243 25.66 0.39 2.82
N GLN A 249 20.27 -7.03 4.54
CA GLN A 249 19.06 -6.78 3.76
C GLN A 249 17.87 -6.60 4.71
N VAL A 250 17.18 -5.46 4.61
CA VAL A 250 15.93 -5.28 5.33
C VAL A 250 14.83 -5.91 4.49
N ARG A 251 13.96 -6.69 5.13
CA ARG A 251 12.84 -7.28 4.43
C ARG A 251 11.62 -7.32 5.34
N PRO A 252 10.43 -7.23 4.76
CA PRO A 252 9.22 -7.26 5.57
C PRO A 252 8.76 -8.67 5.90
N ALA A 253 8.22 -8.82 7.11
CA ALA A 253 7.73 -10.10 7.62
C ALA A 253 6.26 -10.27 7.19
N CYS A 254 6.10 -10.77 6.00
CA CYS A 254 4.80 -11.01 5.40
C CYS A 254 4.99 -12.05 4.29
N SER A 255 3.89 -12.62 3.82
CA SER A 255 4.00 -13.68 2.83
C SER A 255 4.23 -13.10 1.45
N GLN A 256 3.75 -11.88 1.18
CA GLN A 256 3.91 -11.26 -0.14
C GLN A 256 3.63 -9.75 -0.05
N VAL A 257 4.38 -8.96 -0.79
CA VAL A 257 4.11 -7.53 -0.97
C VAL A 257 3.54 -7.31 -2.35
N TYR A 258 2.44 -6.58 -2.42
CA TYR A 258 1.87 -6.16 -3.70
C TYR A 258 1.78 -4.65 -3.66
N SER A 259 2.54 -3.97 -4.52
CA SER A 259 2.56 -2.53 -4.50
C SER A 259 1.85 -2.02 -5.76
N PHE A 260 0.71 -1.33 -5.58
CA PHE A 260 -0.12 -0.82 -6.67
C PHE A 260 0.25 0.63 -6.92
N PHE A 261 0.27 1.04 -8.18
CA PHE A 261 0.38 2.45 -8.47
C PHE A 261 -0.23 2.68 -9.84
N HIS A 262 -0.74 3.91 -10.01
CA HIS A 262 -0.94 4.48 -11.33
C HIS A 262 0.37 5.10 -11.75
N CYS A 263 0.78 4.84 -12.99
CA CYS A 263 2.04 5.37 -13.49
C CYS A 263 2.12 6.90 -13.31
N ALA A 264 1.02 7.60 -13.51
CA ALA A 264 1.02 9.05 -13.42
C ALA A 264 0.89 9.59 -12.01
N ASP A 265 0.77 8.72 -10.98
CA ASP A 265 0.66 9.20 -9.62
C ASP A 265 2.02 9.75 -9.17
N PRO A 266 2.07 10.95 -8.61
CA PRO A 266 3.37 11.49 -8.19
C PRO A 266 4.11 10.63 -7.19
N SER A 267 3.40 9.82 -6.41
CA SER A 267 4.02 8.92 -5.46
C SER A 267 4.36 7.54 -6.05
N ALA A 268 4.05 7.27 -7.31
CA ALA A 268 4.34 5.99 -7.93
C ALA A 268 5.85 5.75 -7.89
N SER A 269 6.23 4.65 -7.26
CA SER A 269 7.64 4.32 -7.07
C SER A 269 7.83 2.81 -7.13
N ARG A 270 8.67 2.33 -8.05
CA ARG A 270 8.86 0.88 -8.17
C ARG A 270 9.74 0.38 -7.05
N LEU A 271 9.43 -0.82 -6.56
CA LEU A 271 10.22 -1.51 -5.58
C LEU A 271 11.10 -2.60 -6.16
N GLU A 272 10.68 -3.24 -7.24
CA GLU A 272 11.44 -4.40 -7.73
C GLU A 272 12.89 -4.03 -8.07
N PRO A 273 13.19 -2.87 -8.64
CA PRO A 273 14.60 -2.61 -8.96
C PRO A 273 15.45 -2.35 -7.75
N LEU A 274 14.85 -2.12 -6.59
CA LEU A 274 15.66 -2.01 -5.37
C LEU A 274 16.10 -3.38 -4.86
N LEU A 275 15.37 -4.44 -5.20
CA LEU A 275 15.78 -5.81 -4.89
C LEU A 275 16.72 -6.36 -5.96
N GLU A 276 16.44 -6.10 -7.23
CA GLU A 276 17.29 -6.51 -8.34
C GLU A 276 17.23 -5.40 -9.40
N PRO A 277 18.31 -4.65 -9.56
CA PRO A 277 18.31 -3.46 -10.45
C PRO A 277 17.85 -3.72 -11.86
N LYS A 278 18.19 -4.86 -12.44
CA LYS A 278 17.77 -5.09 -13.84
C LYS A 278 16.26 -5.21 -13.98
N PHE A 279 15.52 -5.33 -12.89
CA PHE A 279 14.08 -5.27 -13.04
C PHE A 279 13.57 -3.93 -13.53
N HIS A 280 14.38 -2.87 -13.51
CA HIS A 280 13.89 -1.61 -14.09
C HIS A 280 13.61 -1.76 -15.57
N LEU A 281 14.14 -2.80 -16.22
CA LEU A 281 13.80 -3.03 -17.63
C LEU A 281 12.69 -4.05 -17.81
N VAL A 282 12.15 -4.62 -16.75
CA VAL A 282 10.98 -5.50 -16.84
C VAL A 282 9.75 -4.67 -16.50
N PRO A 283 8.76 -4.58 -17.38
CA PRO A 283 7.58 -3.77 -17.06
C PRO A 283 6.91 -4.24 -15.80
N PRO A 284 6.29 -3.33 -15.04
CA PRO A 284 5.37 -3.75 -13.99
C PRO A 284 4.25 -4.60 -14.55
N VAL A 285 3.68 -5.41 -13.70
CA VAL A 285 2.50 -6.22 -14.05
C VAL A 285 1.30 -5.30 -14.24
N SER A 286 0.59 -5.44 -15.37
CA SER A 286 -0.64 -4.71 -15.63
C SER A 286 -1.80 -5.39 -14.89
N VAL A 287 -2.46 -4.67 -14.01
CA VAL A 287 -3.64 -5.18 -13.30
C VAL A 287 -4.81 -5.16 -14.29
N PRO A 288 -5.53 -6.28 -14.44
CA PRO A 288 -6.64 -6.32 -15.39
C PRO A 288 -7.78 -5.42 -14.96
N ARG A 289 -8.38 -4.79 -15.94
CA ARG A 289 -9.58 -4.00 -15.69
C ARG A 289 -10.76 -4.93 -15.43
N TYR A 290 -11.42 -4.76 -14.28
CA TYR A 290 -12.57 -5.59 -13.88
C TYR A 290 -13.67 -5.57 -14.93
N GLN A 291 -13.85 -4.46 -15.63
CA GLN A 291 -14.93 -4.36 -16.60
C GLN A 291 -14.79 -5.37 -17.70
N ARG A 292 -13.55 -5.72 -18.06
CA ARG A 292 -13.28 -6.63 -19.18
C ARG A 292 -12.86 -8.00 -18.71
N PHE A 293 -12.13 -8.10 -17.59
CA PHE A 293 -11.65 -9.35 -17.05
C PHE A 293 -12.05 -9.47 -15.59
N PRO A 294 -13.34 -9.62 -15.32
CA PRO A 294 -13.78 -9.76 -13.93
C PRO A 294 -13.18 -10.95 -13.21
N LEU A 295 -12.82 -12.01 -13.93
CA LEU A 295 -12.20 -13.17 -13.33
C LEU A 295 -10.67 -13.19 -13.49
N GLY A 296 -10.08 -12.09 -13.90
CA GLY A 296 -8.66 -12.04 -14.12
C GLY A 296 -8.31 -12.43 -15.54
N ASP A 297 -7.03 -12.28 -15.86
CA ASP A 297 -6.57 -12.57 -17.21
C ASP A 297 -5.72 -13.82 -17.25
N GLY A 298 -5.72 -14.63 -16.19
CA GLY A 298 -5.04 -15.91 -16.18
C GLY A 298 -3.55 -15.87 -15.98
N GLN A 299 -2.98 -14.74 -15.60
CA GLN A 299 -1.51 -14.64 -15.45
C GLN A 299 -1.06 -15.18 -14.10
N SER A 300 0.12 -15.84 -14.09
CA SER A 300 0.58 -16.54 -12.88
C SER A 300 1.03 -15.56 -11.79
N LEU A 301 1.55 -14.42 -12.18
CA LEU A 301 2.15 -13.40 -11.29
C LEU A 301 3.47 -13.83 -10.68
N LEU A 302 3.99 -15.03 -11.01
CA LEU A 302 5.15 -15.53 -10.29
C LEU A 302 6.43 -14.85 -10.74
N LEU A 303 7.27 -14.53 -9.74
CA LEU A 303 8.63 -14.09 -10.05
C LEU A 303 9.33 -15.05 -11.00
N ALA A 304 9.18 -16.34 -10.80
CA ALA A 304 9.94 -17.28 -11.61
C ALA A 304 9.62 -17.15 -13.09
N ASP A 305 8.36 -16.78 -13.41
CA ASP A 305 7.99 -16.58 -14.81
C ASP A 305 8.70 -15.36 -15.40
N ALA A 306 8.80 -14.27 -14.65
CA ALA A 306 9.59 -13.13 -15.12
C ALA A 306 11.05 -13.52 -15.30
N LEU A 307 11.62 -14.27 -14.35
CA LEU A 307 13.03 -14.63 -14.48
C LEU A 307 13.22 -15.53 -15.69
N HIS A 308 12.28 -16.45 -15.91
CA HIS A 308 12.41 -17.38 -17.01
C HIS A 308 12.29 -16.64 -18.34
N THR A 309 11.28 -15.78 -18.45
CA THR A 309 11.06 -15.12 -19.74
C THR A 309 12.20 -14.16 -20.06
N HIS A 310 12.80 -13.54 -19.06
CA HIS A 310 13.90 -12.58 -19.24
C HIS A 310 15.22 -13.18 -18.77
N SER A 311 15.42 -14.45 -19.02
CA SER A 311 16.58 -15.14 -18.47
C SER A 311 17.90 -14.53 -18.90
N PRO A 312 18.06 -14.01 -20.11
CA PRO A 312 19.36 -13.41 -20.47
C PRO A 312 19.76 -12.29 -19.53
N LEU A 313 18.78 -11.52 -19.07
CA LEU A 313 19.07 -10.40 -18.21
C LEU A 313 19.58 -10.85 -16.85
N PHE A 314 18.97 -11.87 -16.28
CA PHE A 314 19.22 -12.25 -14.90
C PHE A 314 20.14 -13.43 -14.76
N LEU A 315 20.12 -14.36 -15.70
CA LEU A 315 20.82 -15.63 -15.56
C LEU A 315 22.05 -15.62 -16.46
N VAL A 325 23.73 -19.09 -10.55
CA VAL A 325 23.36 -18.75 -9.19
C VAL A 325 22.38 -17.58 -9.19
N GLY A 326 22.28 -16.90 -10.32
CA GLY A 326 21.47 -15.71 -10.39
C GLY A 326 20.05 -15.93 -9.89
N ALA A 327 19.37 -16.94 -10.44
CA ALA A 327 17.96 -17.09 -10.14
C ALA A 327 17.76 -17.33 -8.66
N SER A 328 18.60 -18.20 -8.05
CA SER A 328 18.41 -18.48 -6.63
C SER A 328 18.69 -17.26 -5.75
N ARG A 329 19.66 -16.43 -6.11
CA ARG A 329 19.94 -15.28 -5.26
C ARG A 329 18.81 -14.26 -5.34
N ILE A 330 18.28 -14.01 -6.52
CA ILE A 330 17.18 -13.06 -6.64
C ILE A 330 15.96 -13.61 -5.92
N THR A 331 15.68 -14.91 -6.11
CA THR A 331 14.50 -15.48 -5.49
C THR A 331 14.60 -15.40 -3.99
N ALA A 332 15.81 -15.60 -3.45
CA ALA A 332 15.96 -15.60 -2.01
C ALA A 332 15.73 -14.22 -1.42
N LYS A 333 16.09 -13.15 -2.12
CA LYS A 333 15.90 -11.82 -1.56
C LYS A 333 14.54 -11.19 -1.90
N TRP A 334 13.73 -11.86 -2.71
CA TRP A 334 12.43 -11.31 -3.06
C TRP A 334 11.47 -11.36 -1.88
N TRP A 335 10.50 -10.44 -1.89
CA TRP A 335 9.48 -10.33 -0.86
C TRP A 335 8.24 -11.12 -1.26
N GLY A 336 8.40 -12.44 -1.26
CA GLY A 336 7.40 -13.39 -1.68
C GLY A 336 7.80 -14.13 -2.95
N SER A 337 6.88 -14.93 -3.44
CA SER A 337 7.12 -15.64 -4.69
CA SER A 337 7.07 -15.67 -4.68
C SER A 337 6.50 -14.98 -5.90
N LYS A 338 5.68 -13.92 -5.72
CA LYS A 338 5.05 -13.20 -6.82
C LYS A 338 5.73 -11.85 -7.08
N ARG A 339 5.40 -11.28 -8.25
CA ARG A 339 5.80 -9.93 -8.58
C ARG A 339 5.33 -8.96 -7.51
N ILE A 340 6.04 -7.83 -7.41
CA ILE A 340 5.75 -6.80 -6.43
C ILE A 340 5.15 -5.52 -7.05
N ASP A 341 5.51 -5.14 -8.28
CA ASP A 341 5.11 -3.86 -8.86
C ASP A 341 3.91 -4.11 -9.77
N TYR A 342 2.79 -3.44 -9.47
CA TYR A 342 1.52 -3.61 -10.19
C TYR A 342 1.00 -2.26 -10.62
N ALA A 343 0.88 -2.06 -11.90
CA ALA A 343 0.41 -0.83 -12.48
C ALA A 343 -1.08 -0.92 -12.76
N LEU A 344 -1.82 0.10 -12.34
CA LEU A 344 -3.27 0.16 -12.52
C LEU A 344 -3.66 1.02 -13.71
N TYR A 345 -4.74 0.64 -14.37
CA TYR A 345 -5.29 1.48 -15.43
C TYR A 345 -5.70 2.83 -14.87
N CYS A 346 -5.34 3.89 -15.56
CA CYS A 346 -5.57 5.25 -15.08
C CYS A 346 -6.52 5.98 -16.02
N PRO A 347 -7.77 6.23 -15.65
CA PRO A 347 -8.64 7.04 -16.53
C PRO A 347 -7.96 8.37 -16.88
N ASP A 348 -8.14 8.81 -18.11
CA ASP A 348 -7.52 10.04 -18.58
C ASP A 348 -7.98 11.26 -17.78
N VAL A 349 -9.18 11.20 -17.20
CA VAL A 349 -9.67 12.35 -16.43
C VAL A 349 -8.70 12.68 -15.29
N LEU A 350 -8.17 11.65 -14.61
CA LEU A 350 -7.28 11.89 -13.47
C LEU A 350 -6.03 12.66 -13.84
N THR A 351 -5.62 12.63 -15.12
CA THR A 351 -4.43 13.31 -15.55
C THR A 351 -4.69 14.75 -15.94
N ALA A 352 -5.95 15.18 -15.96
CA ALA A 352 -6.27 16.54 -16.35
C ALA A 352 -6.17 17.55 -15.21
N PHE A 353 -5.62 17.16 -14.08
CA PHE A 353 -5.66 18.02 -12.88
C PHE A 353 -4.30 18.56 -12.55
N PRO A 354 -4.25 19.75 -11.95
CA PRO A 354 -2.97 20.28 -11.49
C PRO A 354 -2.36 19.40 -10.40
N THR A 355 -1.04 19.53 -10.29
CA THR A 355 -0.23 18.68 -9.41
C THR A 355 -0.72 18.66 -7.97
N VAL A 356 -1.11 19.81 -7.39
CA VAL A 356 -1.49 19.79 -5.99
C VAL A 356 -2.74 18.96 -5.72
N ALA A 357 -3.57 18.74 -6.74
CA ALA A 357 -4.82 17.97 -6.58
C ALA A 357 -4.61 16.47 -6.69
N LEU A 358 -3.46 16.03 -7.22
CA LEU A 358 -3.31 14.63 -7.58
C LEU A 358 -3.17 13.68 -6.38
N PRO A 359 -2.48 14.04 -5.30
CA PRO A 359 -2.36 13.08 -4.19
C PRO A 359 -3.72 12.69 -3.61
N HIS A 360 -4.65 13.64 -3.47
CA HIS A 360 -5.97 13.25 -3.00
C HIS A 360 -6.72 12.43 -4.04
N LEU A 361 -6.69 12.86 -5.31
CA LEU A 361 -7.45 12.14 -6.33
C LEU A 361 -6.97 10.69 -6.46
N PHE A 362 -5.65 10.50 -6.51
CA PHE A 362 -5.16 9.13 -6.57
C PHE A 362 -5.49 8.37 -5.28
N HIS A 363 -5.39 9.02 -4.13
CA HIS A 363 -5.72 8.35 -2.87
C HIS A 363 -7.15 7.87 -2.88
N ALA A 364 -8.08 8.74 -3.29
CA ALA A 364 -9.49 8.42 -3.26
C ALA A 364 -9.82 7.27 -4.22
N SER A 365 -9.08 7.17 -5.33
CA SER A 365 -9.40 6.19 -6.38
C SER A 365 -9.36 4.75 -5.84
N TYR A 366 -8.46 4.45 -4.91
CA TYR A 366 -8.30 3.08 -4.46
C TYR A 366 -9.55 2.57 -3.80
N TRP A 367 -10.21 3.41 -2.99
CA TRP A 367 -11.30 2.88 -2.17
C TRP A 367 -12.51 2.50 -3.01
N GLU A 368 -12.60 2.97 -4.25
CA GLU A 368 -13.71 2.59 -5.11
C GLU A 368 -13.24 1.77 -6.31
N SER A 369 -12.00 1.25 -6.28
CA SER A 369 -11.48 0.56 -7.43
C SER A 369 -11.93 -0.90 -7.46
N THR A 370 -12.79 -1.26 -8.40
CA THR A 370 -13.07 -2.69 -8.60
C THR A 370 -11.84 -3.44 -9.13
N ASP A 371 -10.99 -2.78 -9.96
CA ASP A 371 -9.73 -3.42 -10.37
C ASP A 371 -8.92 -3.94 -9.16
N VAL A 372 -8.73 -3.09 -8.16
CA VAL A 372 -7.93 -3.45 -7.00
C VAL A 372 -8.64 -4.48 -6.14
N VAL A 373 -9.94 -4.29 -5.91
CA VAL A 373 -10.69 -5.21 -5.07
C VAL A 373 -10.74 -6.59 -5.69
N ALA A 374 -10.97 -6.69 -7.00
CA ALA A 374 -11.02 -8.04 -7.60
C ALA A 374 -9.65 -8.72 -7.50
N PHE A 375 -8.60 -7.95 -7.66
CA PHE A 375 -7.25 -8.48 -7.55
C PHE A 375 -7.01 -9.02 -6.14
N ILE A 376 -7.37 -8.23 -5.13
CA ILE A 376 -7.20 -8.66 -3.74
C ILE A 376 -7.95 -9.96 -3.51
N LEU A 377 -9.20 -10.03 -3.98
CA LEU A 377 -10.00 -11.25 -3.76
C LEU A 377 -9.36 -12.47 -4.41
N ARG A 378 -8.83 -12.34 -5.63
CA ARG A 378 -8.14 -13.48 -6.25
C ARG A 378 -6.96 -13.95 -5.42
N GLN A 379 -6.24 -13.05 -4.74
CA GLN A 379 -5.05 -13.50 -3.98
C GLN A 379 -5.44 -14.26 -2.71
N VAL A 380 -6.56 -13.94 -2.09
CA VAL A 380 -6.92 -14.64 -0.85
C VAL A 380 -7.67 -15.95 -1.06
N MET A 381 -7.59 -16.52 -2.27
CA MET A 381 -8.25 -17.78 -2.57
C MET A 381 -7.31 -18.97 -2.53
N ARG A 382 -5.99 -18.75 -2.56
CA ARG A 382 -5.11 -19.89 -2.31
C ARG A 382 -5.24 -20.43 -0.88
N TYR A 383 -5.93 -19.70 0.01
CA TYR A 383 -6.12 -20.14 1.37
C TYR A 383 -7.47 -20.83 1.57
N GLU A 384 -8.33 -20.82 0.56
CA GLU A 384 -9.65 -21.44 0.66
C GLU A 384 -9.59 -22.97 0.58
#